data_5F1L
#
_entry.id   5F1L
#
_cell.length_a   70.308
_cell.length_b   125.165
_cell.length_c   30.016
_cell.angle_alpha   90.000
_cell.angle_beta   90.000
_cell.angle_gamma   90.000
#
_symmetry.space_group_name_H-M   'P 21 21 2'
#
loop_
_entity.id
_entity.type
_entity.pdbx_description
1 polymer 'Bromodomain-containing protein 9'
2 non-polymer 5-[3,5-dimethoxy-4-[(3-oxidanylazetidin-1-yl)methyl]phenyl]-1,3-dimethyl-pyridin-2-one
3 water water
#
_entity_poly.entity_id   1
_entity_poly.type   'polypeptide(L)'
_entity_poly.pdbx_seq_one_letter_code
;SMLKLSAENESTPIQQLLEHFLRQLQRKDPHGFFAFPVTDAIAPGYSMIIKHPMDFGTMKDKIVANEYKSVTEFKADFKL
MCDNAMTYNRPDTVYYKLAKKILHAGFKMMSKERLLALKRSMS
;
_entity_poly.pdbx_strand_id   A,B
#
# COMPACT_ATOMS: atom_id res chain seq x y z
N SER A 11 10.92 0.24 1.99
CA SER A 11 9.62 -0.40 2.27
C SER A 11 9.07 -1.14 1.03
N THR A 12 8.47 -2.32 1.26
CA THR A 12 7.91 -3.18 0.20
C THR A 12 6.38 -3.02 0.03
N PRO A 13 5.77 -3.49 -1.09
CA PRO A 13 4.31 -3.38 -1.25
C PRO A 13 3.47 -4.06 -0.16
N ILE A 14 3.91 -5.24 0.34
CA ILE A 14 3.21 -5.96 1.40
C ILE A 14 3.26 -5.14 2.70
N GLN A 15 4.42 -4.54 3.01
CA GLN A 15 4.65 -3.69 4.20
C GLN A 15 3.74 -2.49 4.19
N GLN A 16 3.63 -1.81 3.01
CA GLN A 16 2.78 -0.64 2.80
C GLN A 16 1.31 -1.00 3.04
N LEU A 17 0.86 -2.16 2.50
CA LEU A 17 -0.51 -2.66 2.63
C LEU A 17 -0.84 -3.03 4.09
N LEU A 18 0.08 -3.70 4.79
CA LEU A 18 -0.11 -4.06 6.20
C LEU A 18 -0.13 -2.83 7.12
N GLU A 19 0.68 -1.80 6.80
CA GLU A 19 0.70 -0.54 7.54
C GLU A 19 -0.62 0.24 7.39
N HIS A 20 -1.27 0.12 6.21
CA HIS A 20 -2.55 0.76 5.92
C HIS A 20 -3.65 0.11 6.77
N PHE A 21 -3.71 -1.24 6.77
CA PHE A 21 -4.64 -2.03 7.56
C PHE A 21 -4.48 -1.74 9.05
N LEU A 22 -3.22 -1.69 9.53
CA LEU A 22 -2.89 -1.40 10.92
C LEU A 22 -3.36 -0.02 11.35
N ARG A 23 -3.08 1.02 10.54
CA ARG A 23 -3.48 2.41 10.77
C ARG A 23 -4.99 2.55 10.86
N GLN A 24 -5.73 1.91 9.95
CA GLN A 24 -7.18 1.96 9.92
C GLN A 24 -7.78 1.28 11.16
N LEU A 25 -7.06 0.26 11.70
CA LEU A 25 -7.46 -0.47 12.91
C LEU A 25 -7.11 0.30 14.17
N GLN A 26 -5.92 0.95 14.19
CA GLN A 26 -5.43 1.74 15.31
C GLN A 26 -6.29 2.96 15.60
N ARG A 27 -6.96 3.54 14.57
CA ARG A 27 -7.84 4.71 14.74
C ARG A 27 -9.18 4.35 15.39
N LYS A 28 -9.43 3.05 15.61
CA LYS A 28 -10.63 2.56 16.28
C LYS A 28 -10.40 2.47 17.81
N ASP A 29 -9.11 2.46 18.22
CA ASP A 29 -8.67 2.41 19.62
C ASP A 29 -8.08 3.78 19.96
N PRO A 30 -8.91 4.74 20.43
CA PRO A 30 -8.40 6.10 20.68
C PRO A 30 -7.56 6.27 21.95
N HIS A 31 -7.87 5.49 22.99
CA HIS A 31 -7.20 5.54 24.30
C HIS A 31 -5.91 4.69 24.36
N GLY A 32 -5.57 4.04 23.24
CA GLY A 32 -4.37 3.22 23.11
C GLY A 32 -4.30 1.99 24.00
N PHE A 33 -5.46 1.37 24.29
CA PHE A 33 -5.54 0.18 25.13
C PHE A 33 -4.88 -1.04 24.45
N PHE A 34 -4.75 -1.00 23.10
CA PHE A 34 -4.14 -2.06 22.29
C PHE A 34 -2.81 -1.60 21.64
N ALA A 35 -2.42 -0.34 21.88
CA ALA A 35 -1.20 0.28 21.35
C ALA A 35 0.11 -0.39 21.81
N PHE A 36 0.19 -0.84 23.09
CA PHE A 36 1.37 -1.49 23.63
C PHE A 36 1.00 -2.75 24.47
N PRO A 37 1.94 -3.71 24.74
CA PRO A 37 1.55 -4.93 25.47
C PRO A 37 0.92 -4.78 26.84
N VAL A 38 0.08 -5.76 27.23
CA VAL A 38 -0.58 -5.80 28.55
C VAL A 38 0.41 -6.44 29.52
N THR A 39 0.67 -5.76 30.65
CA THR A 39 1.60 -6.20 31.71
C THR A 39 0.83 -6.64 32.95
N ASP A 40 1.42 -7.55 33.76
CA ASP A 40 0.81 -8.03 35.02
C ASP A 40 0.51 -6.89 36.01
N ALA A 41 1.30 -5.79 35.96
CA ALA A 41 1.12 -4.59 36.77
C ALA A 41 -0.19 -3.88 36.36
N ILE A 42 -0.41 -3.71 35.02
CA ILE A 42 -1.62 -3.10 34.47
C ILE A 42 -2.82 -4.05 34.68
N ALA A 43 -2.64 -5.37 34.46
CA ALA A 43 -3.70 -6.38 34.62
C ALA A 43 -3.22 -7.58 35.46
N PRO A 44 -3.61 -7.64 36.76
CA PRO A 44 -3.15 -8.74 37.63
C PRO A 44 -3.46 -10.16 37.13
N GLY A 45 -2.43 -11.00 37.14
CA GLY A 45 -2.46 -12.39 36.71
C GLY A 45 -2.74 -12.63 35.24
N TYR A 46 -2.49 -11.60 34.40
CA TYR A 46 -2.72 -11.64 32.95
C TYR A 46 -1.99 -12.79 32.28
N SER A 47 -0.68 -12.95 32.59
CA SER A 47 0.24 -13.97 32.06
C SER A 47 -0.15 -15.41 32.44
N MET A 48 -0.88 -15.58 33.55
CA MET A 48 -1.35 -16.90 34.00
C MET A 48 -2.51 -17.36 33.13
N ILE A 49 -3.26 -16.40 32.54
CA ILE A 49 -4.42 -16.62 31.69
C ILE A 49 -4.06 -16.55 30.19
N ILE A 50 -3.39 -15.47 29.78
CA ILE A 50 -3.00 -15.23 28.39
C ILE A 50 -1.58 -15.71 28.15
N LYS A 51 -1.48 -16.84 27.45
CA LYS A 51 -0.22 -17.50 27.13
C LYS A 51 0.45 -16.91 25.91
N HIS A 52 -0.32 -16.48 24.89
CA HIS A 52 0.21 -15.88 23.66
C HIS A 52 -0.27 -14.42 23.49
N PRO A 53 0.37 -13.44 24.20
CA PRO A 53 -0.07 -12.04 24.09
C PRO A 53 0.22 -11.39 22.75
N MET A 54 -0.59 -10.39 22.39
CA MET A 54 -0.47 -9.61 21.14
C MET A 54 -1.04 -8.20 21.33
N ASP A 55 -0.55 -7.24 20.54
CA ASP A 55 -0.94 -5.82 20.55
C ASP A 55 -0.50 -5.16 19.23
N PHE A 56 -1.08 -3.97 18.92
CA PHE A 56 -0.79 -3.18 17.71
C PHE A 56 0.69 -2.85 17.55
N GLY A 57 1.35 -2.49 18.64
CA GLY A 57 2.77 -2.16 18.69
C GLY A 57 3.68 -3.31 18.29
N THR A 58 3.35 -4.54 18.75
CA THR A 58 4.12 -5.75 18.42
C THR A 58 3.97 -6.03 16.91
N MET A 59 2.74 -5.88 16.39
CA MET A 59 2.38 -6.06 14.99
C MET A 59 3.10 -5.05 14.09
N LYS A 60 3.28 -3.80 14.58
CA LYS A 60 3.98 -2.73 13.85
C LYS A 60 5.43 -3.12 13.67
N ASP A 61 6.09 -3.62 14.76
CA ASP A 61 7.49 -4.05 14.73
C ASP A 61 7.70 -5.22 13.77
N LYS A 62 6.71 -6.12 13.69
CA LYS A 62 6.76 -7.30 12.83
C LYS A 62 6.68 -6.92 11.34
N ILE A 63 5.81 -5.93 10.99
CA ILE A 63 5.66 -5.40 9.61
C ILE A 63 7.01 -4.81 9.17
N VAL A 64 7.62 -3.96 10.04
CA VAL A 64 8.92 -3.30 9.86
C VAL A 64 10.03 -4.36 9.71
N ALA A 65 10.02 -5.40 10.58
CA ALA A 65 11.01 -6.48 10.53
C ALA A 65 10.77 -7.48 9.38
N ASN A 66 9.67 -7.31 8.61
CA ASN A 66 9.24 -8.14 7.48
C ASN A 66 8.97 -9.59 7.92
N GLU A 67 8.22 -9.73 9.05
CA GLU A 67 7.85 -11.00 9.68
C GLU A 67 6.51 -11.57 9.18
N TYR A 68 5.81 -10.83 8.31
CA TYR A 68 4.54 -11.31 7.76
C TYR A 68 4.71 -11.74 6.32
N LYS A 69 4.46 -13.03 6.05
CA LYS A 69 4.54 -13.60 4.69
C LYS A 69 3.21 -13.43 3.95
N SER A 70 2.09 -13.27 4.69
CA SER A 70 0.76 -13.13 4.13
C SER A 70 -0.15 -12.23 4.96
N VAL A 71 -1.32 -11.84 4.36
CA VAL A 71 -2.37 -11.06 5.01
C VAL A 71 -3.00 -11.95 6.12
N THR A 72 -3.06 -13.30 5.90
CA THR A 72 -3.57 -14.33 6.81
C THR A 72 -2.80 -14.33 8.13
N GLU A 73 -1.45 -14.25 8.06
CA GLU A 73 -0.56 -14.18 9.23
C GLU A 73 -0.90 -12.95 10.06
N PHE A 74 -1.08 -11.79 9.39
CA PHE A 74 -1.44 -10.50 9.99
C PHE A 74 -2.83 -10.58 10.66
N LYS A 75 -3.85 -11.10 9.93
CA LYS A 75 -5.23 -11.30 10.42
C LYS A 75 -5.24 -12.22 11.64
N ALA A 76 -4.40 -13.27 11.65
CA ALA A 76 -4.26 -14.22 12.77
C ALA A 76 -3.73 -13.54 14.05
N ASP A 77 -2.72 -12.64 13.92
CA ASP A 77 -2.19 -11.89 15.08
C ASP A 77 -3.20 -10.85 15.59
N PHE A 78 -4.02 -10.31 14.67
CA PHE A 78 -5.06 -9.33 15.01
C PHE A 78 -6.21 -10.02 15.77
N LYS A 79 -6.66 -11.19 15.27
CA LYS A 79 -7.70 -12.02 15.90
C LYS A 79 -7.23 -12.44 17.27
N LEU A 80 -5.94 -12.81 17.39
CA LEU A 80 -5.32 -13.22 18.64
C LEU A 80 -5.42 -12.12 19.70
N MET A 81 -5.12 -10.87 19.31
CA MET A 81 -5.18 -9.69 20.17
C MET A 81 -6.59 -9.49 20.76
N CYS A 82 -7.60 -9.52 19.88
CA CYS A 82 -9.01 -9.34 20.23
C CYS A 82 -9.51 -10.50 21.08
N ASP A 83 -9.16 -11.75 20.70
CA ASP A 83 -9.52 -12.98 21.44
C ASP A 83 -8.96 -12.99 22.87
N ASN A 84 -7.73 -12.48 23.07
CA ASN A 84 -7.10 -12.40 24.39
C ASN A 84 -7.84 -11.45 25.28
N ALA A 85 -8.24 -10.27 24.74
CA ALA A 85 -9.03 -9.25 25.45
C ALA A 85 -10.43 -9.78 25.84
N MET A 86 -11.02 -10.65 25.00
CA MET A 86 -12.34 -11.25 25.26
C MET A 86 -12.26 -12.47 26.19
N THR A 87 -11.08 -13.08 26.30
CA THR A 87 -10.81 -14.24 27.17
C THR A 87 -10.51 -13.73 28.60
N TYR A 88 -9.67 -12.68 28.72
CA TYR A 88 -9.31 -12.14 30.03
C TYR A 88 -10.43 -11.35 30.69
N ASN A 89 -11.07 -10.45 29.92
CA ASN A 89 -12.11 -9.54 30.41
C ASN A 89 -13.51 -10.04 30.18
N ARG A 90 -14.41 -9.77 31.14
CA ARG A 90 -15.84 -10.09 31.13
C ARG A 90 -16.62 -9.28 30.08
N PRO A 91 -17.80 -9.76 29.57
CA PRO A 91 -18.49 -9.04 28.48
C PRO A 91 -18.92 -7.60 28.74
N ASP A 92 -19.16 -7.23 30.01
CA ASP A 92 -19.62 -5.87 30.32
C ASP A 92 -18.48 -4.83 30.46
N THR A 93 -17.22 -5.24 30.24
CA THR A 93 -16.05 -4.35 30.33
C THR A 93 -15.78 -3.60 29.02
N VAL A 94 -15.11 -2.43 29.14
CA VAL A 94 -14.73 -1.56 28.04
C VAL A 94 -13.74 -2.25 27.12
N TYR A 95 -12.87 -3.11 27.68
CA TYR A 95 -11.86 -3.84 26.89
C TYR A 95 -12.48 -4.91 26.02
N TYR A 96 -13.43 -5.66 26.57
CA TYR A 96 -14.11 -6.73 25.85
C TYR A 96 -14.93 -6.14 24.69
N LYS A 97 -15.75 -5.11 24.98
CA LYS A 97 -16.60 -4.44 24.00
C LYS A 97 -15.80 -3.81 22.84
N LEU A 98 -14.65 -3.17 23.15
CA LEU A 98 -13.77 -2.56 22.15
C LEU A 98 -13.13 -3.64 21.30
N ALA A 99 -12.64 -4.75 21.94
CA ALA A 99 -12.05 -5.89 21.22
C ALA A 99 -13.05 -6.49 20.25
N LYS A 100 -14.32 -6.67 20.67
CA LYS A 100 -15.38 -7.22 19.81
C LYS A 100 -15.62 -6.31 18.59
N LYS A 101 -15.64 -4.99 18.80
CA LYS A 101 -15.89 -4.02 17.74
C LYS A 101 -14.73 -3.91 16.77
N ILE A 102 -13.49 -3.88 17.28
CA ILE A 102 -12.34 -3.79 16.38
C ILE A 102 -12.14 -5.11 15.61
N LEU A 103 -12.51 -6.27 16.19
CA LEU A 103 -12.44 -7.57 15.52
C LEU A 103 -13.33 -7.60 14.28
N HIS A 104 -14.62 -7.18 14.45
CA HIS A 104 -15.62 -7.13 13.40
C HIS A 104 -15.20 -6.15 12.31
N ALA A 105 -14.57 -5.02 12.71
CA ALA A 105 -14.08 -3.98 11.83
C ALA A 105 -12.92 -4.45 10.96
N GLY A 106 -11.95 -5.14 11.57
CA GLY A 106 -10.78 -5.68 10.90
C GLY A 106 -11.11 -6.77 9.91
N PHE A 107 -12.04 -7.64 10.26
CA PHE A 107 -12.42 -8.76 9.39
C PHE A 107 -13.34 -8.31 8.24
N LYS A 108 -14.02 -7.16 8.37
CA LYS A 108 -14.86 -6.62 7.30
C LYS A 108 -13.93 -5.95 6.29
N MET A 109 -12.93 -5.21 6.80
CA MET A 109 -11.90 -4.50 6.05
C MET A 109 -10.97 -5.48 5.33
N MET A 110 -10.62 -6.60 5.97
CA MET A 110 -9.74 -7.61 5.39
C MET A 110 -10.49 -8.88 4.98
N SER A 111 -11.74 -8.71 4.51
CA SER A 111 -12.61 -9.81 4.07
C SER A 111 -12.14 -10.44 2.76
N LYS A 112 -12.61 -11.68 2.49
CA LYS A 112 -12.31 -12.45 1.28
C LYS A 112 -12.67 -11.67 0.02
N GLU A 113 -13.85 -10.99 0.01
CA GLU A 113 -14.34 -10.16 -1.10
C GLU A 113 -13.40 -8.99 -1.39
N ARG A 114 -12.87 -8.35 -0.33
CA ARG A 114 -11.96 -7.21 -0.41
C ARG A 114 -10.57 -7.64 -0.86
N LEU A 115 -10.08 -8.79 -0.34
CA LEU A 115 -8.76 -9.27 -0.74
C LEU A 115 -8.76 -9.83 -2.18
N LEU A 116 -9.91 -10.36 -2.63
CA LEU A 116 -10.16 -10.88 -3.98
C LEU A 116 -10.10 -9.72 -4.97
N ALA A 117 -10.84 -8.61 -4.67
CA ALA A 117 -10.88 -7.40 -5.52
C ALA A 117 -9.47 -6.83 -5.67
N LEU A 118 -8.67 -6.91 -4.58
CA LEU A 118 -7.29 -6.49 -4.55
C LEU A 118 -6.42 -7.40 -5.41
N LYS A 119 -6.51 -8.73 -5.22
CA LYS A 119 -5.78 -9.75 -5.98
C LYS A 119 -5.97 -9.57 -7.50
N ARG A 120 -7.22 -9.29 -7.92
CA ARG A 120 -7.60 -9.08 -9.31
C ARG A 120 -7.08 -7.74 -9.85
N SER A 121 -6.85 -6.74 -8.97
CA SER A 121 -6.30 -5.44 -9.38
C SER A 121 -4.78 -5.52 -9.59
N MET A 122 -4.15 -6.61 -9.14
CA MET A 122 -2.71 -6.83 -9.30
C MET A 122 -2.37 -7.50 -10.62
N SER A 123 -3.39 -7.81 -11.45
CA SER A 123 -3.22 -8.42 -12.77
C SER A 123 -2.70 -7.39 -13.77
N GLU B 10 -7.44 8.98 4.86
CA GLU B 10 -7.86 7.62 4.52
C GLU B 10 -7.72 7.32 3.01
N SER B 11 -7.63 6.03 2.66
CA SER B 11 -7.48 5.51 1.29
C SER B 11 -7.96 4.04 1.19
N THR B 12 -7.78 3.42 0.02
CA THR B 12 -8.15 2.03 -0.26
C THR B 12 -6.87 1.18 -0.46
N PRO B 13 -6.91 -0.18 -0.35
CA PRO B 13 -5.68 -0.97 -0.57
C PRO B 13 -5.00 -0.81 -1.94
N ILE B 14 -5.78 -0.73 -3.04
CA ILE B 14 -5.26 -0.54 -4.41
C ILE B 14 -4.55 0.81 -4.54
N GLN B 15 -5.17 1.91 -4.05
CA GLN B 15 -4.60 3.26 -4.12
C GLN B 15 -3.26 3.30 -3.42
N GLN B 16 -3.17 2.66 -2.23
CA GLN B 16 -1.94 2.54 -1.44
C GLN B 16 -0.84 1.88 -2.25
N LEU B 17 -1.19 0.79 -2.97
CA LEU B 17 -0.25 0.04 -3.80
C LEU B 17 0.27 0.88 -4.96
N LEU B 18 -0.64 1.60 -5.65
CA LEU B 18 -0.31 2.47 -6.77
C LEU B 18 0.53 3.66 -6.31
N GLU B 19 0.17 4.28 -5.17
CA GLU B 19 0.93 5.39 -4.56
C GLU B 19 2.36 4.95 -4.26
N HIS B 20 2.55 3.69 -3.83
CA HIS B 20 3.87 3.11 -3.56
C HIS B 20 4.71 3.01 -4.83
N PHE B 21 4.15 2.41 -5.90
CA PHE B 21 4.82 2.25 -7.20
C PHE B 21 5.18 3.59 -7.80
N LEU B 22 4.23 4.56 -7.76
CA LEU B 22 4.42 5.92 -8.27
C LEU B 22 5.57 6.64 -7.56
N ARG B 23 5.63 6.55 -6.20
CA ARG B 23 6.70 7.15 -5.38
C ARG B 23 8.08 6.62 -5.74
N GLN B 24 8.20 5.29 -5.97
CA GLN B 24 9.46 4.63 -6.36
C GLN B 24 9.93 5.17 -7.71
N LEU B 25 8.99 5.29 -8.66
CA LEU B 25 9.25 5.79 -10.00
C LEU B 25 9.60 7.28 -9.98
N GLN B 26 8.83 8.07 -9.22
CA GLN B 26 9.01 9.52 -9.10
C GLN B 26 10.34 9.87 -8.44
N ARG B 27 10.84 8.98 -7.57
CA ARG B 27 12.13 9.07 -6.85
C ARG B 27 13.30 9.16 -7.86
N LYS B 28 13.17 8.46 -9.01
CA LYS B 28 14.17 8.40 -10.08
C LYS B 28 14.22 9.67 -10.96
N ASP B 29 13.24 10.59 -10.81
CA ASP B 29 13.16 11.86 -11.53
C ASP B 29 13.22 13.00 -10.51
N PRO B 30 14.39 13.29 -9.91
CA PRO B 30 14.47 14.35 -8.90
C PRO B 30 14.17 15.78 -9.38
N HIS B 31 14.46 16.09 -10.66
CA HIS B 31 14.28 17.43 -11.22
C HIS B 31 12.84 17.73 -11.66
N GLY B 32 11.95 16.74 -11.50
CA GLY B 32 10.54 16.89 -11.81
C GLY B 32 10.18 17.08 -13.28
N PHE B 33 11.02 16.55 -14.20
CA PHE B 33 10.73 16.61 -15.65
C PHE B 33 9.45 15.90 -16.04
N PHE B 34 9.06 14.86 -15.28
CA PHE B 34 7.85 14.07 -15.52
C PHE B 34 6.74 14.32 -14.51
N ALA B 35 6.95 15.27 -13.58
CA ALA B 35 5.98 15.62 -12.54
C ALA B 35 4.70 16.27 -13.07
N PHE B 36 4.81 17.09 -14.14
CA PHE B 36 3.68 17.80 -14.74
C PHE B 36 3.69 17.73 -16.27
N PRO B 37 2.57 18.05 -16.98
CA PRO B 37 2.58 17.96 -18.44
C PRO B 37 3.61 18.88 -19.11
N VAL B 38 4.14 18.45 -20.27
CA VAL B 38 5.07 19.23 -21.08
C VAL B 38 4.21 20.30 -21.80
N THR B 39 4.68 21.56 -21.81
CA THR B 39 4.00 22.67 -22.51
C THR B 39 4.70 22.96 -23.85
N ASP B 40 3.95 23.51 -24.81
CA ASP B 40 4.49 23.89 -26.13
C ASP B 40 5.45 25.06 -26.02
N ALA B 41 5.30 25.89 -24.97
CA ALA B 41 6.17 27.04 -24.70
C ALA B 41 7.60 26.58 -24.37
N ILE B 42 7.70 25.41 -23.69
CA ILE B 42 8.95 24.77 -23.30
C ILE B 42 9.42 23.74 -24.36
N ALA B 43 8.47 23.16 -25.14
CA ALA B 43 8.78 22.17 -26.19
C ALA B 43 7.95 22.44 -27.45
N PRO B 44 8.40 23.34 -28.35
CA PRO B 44 7.61 23.64 -29.57
C PRO B 44 7.20 22.41 -30.37
N GLY B 45 5.94 22.40 -30.81
CA GLY B 45 5.37 21.28 -31.56
C GLY B 45 4.90 20.08 -30.74
N TYR B 46 5.18 20.07 -29.42
CA TYR B 46 4.82 18.98 -28.53
C TYR B 46 3.37 18.48 -28.68
N SER B 47 2.37 19.38 -28.56
CA SER B 47 0.95 19.04 -28.71
C SER B 47 0.62 18.40 -30.07
N MET B 48 1.45 18.67 -31.11
CA MET B 48 1.23 18.10 -32.45
C MET B 48 1.89 16.73 -32.60
N ILE B 49 3.06 16.54 -31.96
CA ILE B 49 3.82 15.29 -32.03
C ILE B 49 3.26 14.27 -31.05
N ILE B 50 2.95 14.72 -29.84
CA ILE B 50 2.42 13.89 -28.76
C ILE B 50 0.92 14.11 -28.60
N LYS B 51 0.14 13.17 -29.10
CA LYS B 51 -1.32 13.22 -29.07
C LYS B 51 -1.90 12.68 -27.78
N HIS B 52 -1.13 11.87 -27.06
CA HIS B 52 -1.54 11.28 -25.79
C HIS B 52 -0.55 11.64 -24.73
N PRO B 53 -0.55 12.90 -24.26
CA PRO B 53 0.40 13.27 -23.19
C PRO B 53 0.10 12.57 -21.86
N MET B 54 1.15 12.28 -21.11
CA MET B 54 1.07 11.64 -19.81
C MET B 54 2.22 12.14 -18.91
N ASP B 55 1.95 12.26 -17.62
CA ASP B 55 2.92 12.69 -16.62
C ASP B 55 2.56 12.06 -15.27
N PHE B 56 3.50 12.06 -14.33
CA PHE B 56 3.30 11.54 -12.98
C PHE B 56 2.15 12.21 -12.23
N GLY B 57 1.99 13.53 -12.40
CA GLY B 57 0.94 14.33 -11.76
C GLY B 57 -0.46 13.90 -12.14
N THR B 58 -0.69 13.69 -13.45
CA THR B 58 -1.94 13.17 -14.01
C THR B 58 -2.18 11.76 -13.46
N MET B 59 -1.11 10.92 -13.40
CA MET B 59 -1.18 9.55 -12.85
C MET B 59 -1.61 9.60 -11.39
N LYS B 60 -1.01 10.50 -10.58
CA LYS B 60 -1.34 10.70 -9.16
C LYS B 60 -2.83 11.04 -9.00
N ASP B 61 -3.35 11.97 -9.84
CA ASP B 61 -4.76 12.36 -9.84
C ASP B 61 -5.69 11.19 -10.20
N LYS B 62 -5.27 10.28 -11.11
CA LYS B 62 -6.03 9.08 -11.48
C LYS B 62 -6.05 8.10 -10.29
N ILE B 63 -4.94 8.04 -9.50
CA ILE B 63 -4.86 7.22 -8.28
C ILE B 63 -5.88 7.78 -7.28
N VAL B 64 -5.79 9.10 -6.95
CA VAL B 64 -6.67 9.83 -6.04
C VAL B 64 -8.14 9.62 -6.42
N ALA B 65 -8.49 9.79 -7.71
CA ALA B 65 -9.85 9.63 -8.23
C ALA B 65 -10.34 8.18 -8.32
N ASN B 66 -9.45 7.19 -8.02
CA ASN B 66 -9.74 5.75 -8.07
C ASN B 66 -10.06 5.28 -9.51
N GLU B 67 -9.34 5.88 -10.50
CA GLU B 67 -9.46 5.62 -11.94
C GLU B 67 -8.76 4.35 -12.45
N TYR B 68 -7.82 3.77 -11.67
CA TYR B 68 -7.12 2.55 -12.10
C TYR B 68 -7.76 1.31 -11.48
N LYS B 69 -8.25 0.40 -12.33
CA LYS B 69 -8.87 -0.84 -11.85
C LYS B 69 -7.85 -1.99 -11.81
N SER B 70 -6.60 -1.72 -12.24
CA SER B 70 -5.51 -2.70 -12.24
C SER B 70 -4.14 -2.04 -12.34
N VAL B 71 -3.09 -2.83 -12.05
CA VAL B 71 -1.69 -2.44 -12.20
C VAL B 71 -1.41 -2.31 -13.72
N THR B 72 -2.05 -3.16 -14.56
CA THR B 72 -1.93 -3.13 -16.03
C THR B 72 -2.23 -1.73 -16.58
N GLU B 73 -3.36 -1.13 -16.17
CA GLU B 73 -3.78 0.22 -16.60
C GLU B 73 -2.76 1.25 -16.13
N PHE B 74 -2.22 1.08 -14.90
CA PHE B 74 -1.21 1.96 -14.33
C PHE B 74 0.06 1.91 -15.16
N LYS B 75 0.55 0.69 -15.47
CA LYS B 75 1.76 0.41 -16.26
C LYS B 75 1.64 1.00 -17.65
N ALA B 76 0.43 0.94 -18.28
CA ALA B 76 0.16 1.48 -19.61
C ALA B 76 0.34 3.00 -19.66
N ASP B 77 -0.05 3.70 -18.58
CA ASP B 77 0.08 5.15 -18.49
C ASP B 77 1.52 5.54 -18.31
N PHE B 78 2.24 4.74 -17.51
CA PHE B 78 3.65 4.89 -17.23
C PHE B 78 4.49 4.66 -18.50
N LYS B 79 4.16 3.61 -19.26
CA LYS B 79 4.78 3.27 -20.54
C LYS B 79 4.53 4.41 -21.56
N LEU B 80 3.28 4.90 -21.65
CA LEU B 80 2.93 6.01 -22.53
C LEU B 80 3.80 7.27 -22.25
N MET B 81 3.94 7.63 -20.97
CA MET B 81 4.71 8.78 -20.54
C MET B 81 6.18 8.65 -21.01
N CYS B 82 6.79 7.46 -20.82
CA CYS B 82 8.18 7.18 -21.22
C CYS B 82 8.34 7.13 -22.73
N ASP B 83 7.34 6.55 -23.45
CA ASP B 83 7.35 6.45 -24.91
C ASP B 83 7.27 7.83 -25.54
N ASN B 84 6.53 8.75 -24.93
CA ASN B 84 6.38 10.11 -25.42
C ASN B 84 7.70 10.83 -25.45
N ALA B 85 8.45 10.74 -24.34
CA ALA B 85 9.77 11.33 -24.13
C ALA B 85 10.79 10.74 -25.09
N MET B 86 10.65 9.44 -25.44
CA MET B 86 11.53 8.72 -26.35
CA MET B 86 11.54 8.73 -26.36
C MET B 86 11.13 8.92 -27.82
N THR B 87 10.04 9.63 -28.08
CA THR B 87 9.55 9.93 -29.42
C THR B 87 9.88 11.39 -29.72
N TYR B 88 9.51 12.32 -28.80
CA TYR B 88 9.72 13.75 -28.99
C TYR B 88 11.19 14.14 -28.95
N ASN B 89 11.95 13.57 -28.00
CA ASN B 89 13.36 13.92 -27.80
C ASN B 89 14.30 12.96 -28.48
N ARG B 90 15.50 13.48 -28.80
CA ARG B 90 16.61 12.80 -29.43
C ARG B 90 17.30 11.90 -28.42
N PRO B 91 17.90 10.75 -28.86
CA PRO B 91 18.57 9.83 -27.90
C PRO B 91 19.65 10.42 -26.98
N ASP B 92 20.32 11.49 -27.42
CA ASP B 92 21.38 12.16 -26.66
C ASP B 92 20.85 13.05 -25.49
N THR B 93 19.57 13.43 -25.52
CA THR B 93 18.95 14.31 -24.53
C THR B 93 18.74 13.68 -23.17
N VAL B 94 18.64 14.57 -22.16
CA VAL B 94 18.37 14.27 -20.76
C VAL B 94 17.02 13.57 -20.62
N TYR B 95 16.00 14.02 -21.39
CA TYR B 95 14.63 13.50 -21.33
C TYR B 95 14.53 12.06 -21.82
N TYR B 96 15.25 11.72 -22.89
CA TYR B 96 15.30 10.37 -23.46
C TYR B 96 15.96 9.38 -22.48
N LYS B 97 17.16 9.71 -21.98
CA LYS B 97 17.95 8.88 -21.07
C LYS B 97 17.24 8.61 -19.75
N LEU B 98 16.51 9.63 -19.25
CA LEU B 98 15.74 9.52 -18.02
C LEU B 98 14.57 8.60 -18.27
N ALA B 99 13.83 8.80 -19.39
CA ALA B 99 12.66 7.97 -19.74
C ALA B 99 13.01 6.51 -19.93
N LYS B 100 14.13 6.23 -20.64
CA LYS B 100 14.62 4.88 -20.95
C LYS B 100 14.91 4.12 -19.66
N LYS B 101 15.60 4.79 -18.71
CA LYS B 101 16.00 4.22 -17.43
C LYS B 101 14.79 3.93 -16.56
N ILE B 102 13.92 4.93 -16.35
CA ILE B 102 12.72 4.78 -15.51
C ILE B 102 11.72 3.77 -16.11
N LEU B 103 11.69 3.60 -17.44
CA LEU B 103 10.84 2.63 -18.12
C LEU B 103 11.23 1.18 -17.78
N HIS B 104 12.53 0.86 -17.90
CA HIS B 104 13.06 -0.48 -17.64
C HIS B 104 12.98 -0.83 -16.16
N ALA B 105 13.26 0.16 -15.28
CA ALA B 105 13.23 0.00 -13.83
C ALA B 105 11.78 -0.20 -13.36
N GLY B 106 10.87 0.49 -14.03
CA GLY B 106 9.44 0.40 -13.75
C GLY B 106 8.85 -0.94 -14.13
N PHE B 107 9.24 -1.47 -15.30
CA PHE B 107 8.70 -2.74 -15.79
C PHE B 107 9.29 -3.96 -15.07
N LYS B 108 10.40 -3.77 -14.34
CA LYS B 108 11.02 -4.81 -13.53
C LYS B 108 10.33 -4.82 -12.14
N MET B 109 10.11 -3.62 -11.57
CA MET B 109 9.45 -3.41 -10.29
C MET B 109 7.98 -3.88 -10.37
N MET B 110 7.35 -3.70 -11.53
CA MET B 110 5.96 -4.09 -11.74
C MET B 110 5.81 -5.29 -12.68
N SER B 111 6.81 -6.19 -12.68
CA SER B 111 6.84 -7.42 -13.49
C SER B 111 5.81 -8.44 -13.03
N LYS B 112 5.41 -9.34 -13.96
CA LYS B 112 4.45 -10.42 -13.74
C LYS B 112 4.90 -11.36 -12.61
N GLU B 113 6.23 -11.52 -12.41
CA GLU B 113 6.83 -12.35 -11.35
C GLU B 113 6.58 -11.70 -9.98
N ARG B 114 6.89 -10.39 -9.85
CA ARG B 114 6.75 -9.63 -8.61
C ARG B 114 5.29 -9.46 -8.19
N LEU B 115 4.39 -9.23 -9.15
CA LEU B 115 2.95 -9.06 -8.92
C LEU B 115 2.31 -10.36 -8.46
N LEU B 116 2.80 -11.51 -8.97
CA LEU B 116 2.36 -12.86 -8.60
C LEU B 116 2.82 -13.17 -7.19
N ALA B 117 4.00 -12.65 -6.81
CA ALA B 117 4.55 -12.83 -5.46
C ALA B 117 3.69 -12.01 -4.48
N LEU B 118 3.29 -10.80 -4.92
CA LEU B 118 2.43 -9.90 -4.17
C LEU B 118 1.00 -10.46 -4.05
N LYS B 119 0.50 -11.10 -5.14
CA LYS B 119 -0.81 -11.78 -5.18
C LYS B 119 -0.81 -12.95 -4.20
N ARG B 120 0.35 -13.64 -4.05
CA ARG B 120 0.54 -14.79 -3.15
C ARG B 120 0.52 -14.37 -1.68
N SER B 121 0.99 -13.12 -1.38
CA SER B 121 1.01 -12.60 -0.01
C SER B 121 -0.40 -12.16 0.47
N MET B 122 -1.40 -12.26 -0.42
CA MET B 122 -2.81 -11.96 -0.13
C MET B 122 -3.55 -13.29 0.09
N SER B 123 -2.99 -14.14 0.98
CA SER B 123 -3.51 -15.46 1.37
C SER B 123 -3.60 -16.45 0.20
#